data_6QVO
#
_entry.id   6QVO
#
_cell.length_a   35.478
_cell.length_b   67.111
_cell.length_c   117.678
_cell.angle_alpha   90.00
_cell.angle_beta   94.74
_cell.angle_gamma   90.00
#
_symmetry.space_group_name_H-M   'P 1 21 1'
#
loop_
_entity.id
_entity.type
_entity.pdbx_description
1 polymer '7,8-dihydro-8-oxoguanine triphosphatase'
2 non-polymer 'SULFATE ION'
3 non-polymer "N6-METHYL-DEOXY-ADENOSINE-5'-MONOPHOSPHATE"
4 non-polymer GLYCEROL
5 water water
#
_entity_poly.entity_id   1
_entity_poly.type   'polypeptide(L)'
_entity_poly.pdbx_seq_one_letter_code
;MYWSNQITRRLGERVQGFMSGISPQQMGEPEGSWSGKNPGTMGASRLYTLVLVLQPQRVLLGMKKRGFGAGRWNGFGGKV
QEGETIEDGARRELQEESGLTVDALHKVGQIVFEFVGEPELMDVHVFCTDSIQGTPVESDEMRPCWFQLDQIPFKDMWPD
DSYWFPLLLQKKKFHGYFKFQGQDTILDYTLREVDTV
;
_entity_poly.pdbx_strand_id   A,B,C,D
#
# COMPACT_ATOMS: atom_id res chain seq x y z
N ALA A 44 18.32 -17.18 -30.27
CA ALA A 44 16.97 -16.63 -30.60
C ALA A 44 16.06 -16.71 -29.37
N SER A 45 15.49 -15.56 -28.98
CA SER A 45 14.64 -15.47 -27.81
C SER A 45 13.55 -14.40 -27.97
N ARG A 46 12.43 -14.61 -27.28
CA ARG A 46 11.31 -13.69 -27.32
C ARG A 46 11.24 -12.95 -25.99
N LEU A 47 11.03 -11.63 -26.04
CA LEU A 47 10.98 -10.82 -24.84
C LEU A 47 9.64 -10.98 -24.13
N TYR A 48 9.70 -11.13 -22.81
CA TYR A 48 8.53 -11.11 -21.92
C TYR A 48 8.77 -10.18 -20.74
N THR A 49 7.67 -9.79 -20.08
CA THR A 49 7.72 -8.97 -18.88
C THR A 49 7.08 -9.72 -17.73
N LEU A 50 7.44 -9.36 -16.51
CA LEU A 50 6.80 -9.89 -15.31
C LEU A 50 6.83 -8.82 -14.23
N VAL A 51 5.67 -8.53 -13.63
CA VAL A 51 5.51 -7.42 -12.70
C VAL A 51 5.02 -7.94 -11.34
N LEU A 52 5.79 -7.61 -10.31
CA LEU A 52 5.45 -7.95 -8.93
C LEU A 52 5.13 -6.68 -8.19
N VAL A 53 3.86 -6.54 -7.77
CA VAL A 53 3.44 -5.40 -6.95
C VAL A 53 3.84 -5.73 -5.52
N LEU A 54 5.00 -5.23 -5.10
CA LEU A 54 5.56 -5.51 -3.79
C LEU A 54 5.36 -4.32 -2.85
N GLN A 55 4.57 -4.55 -1.79
CA GLN A 55 4.32 -3.57 -0.74
C GLN A 55 5.01 -4.06 0.56
N PRO A 56 5.17 -3.17 1.56
CA PRO A 56 5.95 -3.53 2.76
C PRO A 56 5.68 -4.91 3.36
N GLN A 57 4.40 -5.31 3.46
CA GLN A 57 4.02 -6.56 4.13
C GLN A 57 3.21 -7.54 3.26
N ARG A 58 3.14 -7.29 1.95
CA ARG A 58 2.37 -8.15 1.05
C ARG A 58 2.77 -8.00 -0.41
N VAL A 59 2.39 -9.01 -1.20
CA VAL A 59 2.61 -9.03 -2.65
C VAL A 59 1.32 -9.44 -3.38
N LEU A 60 1.06 -8.81 -4.52
CA LEU A 60 -0.11 -9.13 -5.33
C LEU A 60 0.27 -10.17 -6.37
N LEU A 61 -0.51 -11.25 -6.44
CA LEU A 61 -0.31 -12.29 -7.45
C LEU A 61 -1.61 -12.57 -8.17
N GLY A 62 -1.49 -13.01 -9.40
CA GLY A 62 -2.63 -13.35 -10.22
C GLY A 62 -2.67 -14.84 -10.45
N MET A 63 -3.83 -15.45 -10.20
CA MET A 63 -4.07 -16.84 -10.60
C MET A 63 -4.32 -16.82 -12.11
N LYS A 64 -3.44 -17.46 -12.87
CA LYS A 64 -3.56 -17.57 -14.33
C LYS A 64 -4.68 -18.53 -14.69
N LYS A 65 -5.67 -18.02 -15.42
CA LYS A 65 -6.94 -18.72 -15.67
C LYS A 65 -6.91 -19.56 -16.96
N ARG A 66 -6.29 -19.04 -18.02
CA ARG A 66 -6.24 -19.68 -19.33
C ARG A 66 -4.82 -19.78 -19.88
N GLY A 67 -4.57 -20.81 -20.68
CA GLY A 67 -3.36 -20.91 -21.50
C GLY A 67 -2.08 -21.30 -20.76
N PHE A 68 -1.02 -20.51 -21.00
CA PHE A 68 0.33 -20.83 -20.53
C PHE A 68 0.46 -20.48 -19.05
N GLY A 69 0.97 -21.41 -18.26
CA GLY A 69 1.08 -21.25 -16.82
C GLY A 69 -0.24 -21.23 -16.07
N ALA A 70 -1.27 -21.87 -16.65
CA ALA A 70 -2.61 -21.86 -16.07
C ALA A 70 -2.66 -22.71 -14.80
N GLY A 71 -3.51 -22.29 -13.86
CA GLY A 71 -3.60 -22.93 -12.55
C GLY A 71 -2.46 -22.59 -11.60
N ARG A 72 -1.68 -21.55 -11.91
CA ARG A 72 -0.55 -21.15 -11.08
C ARG A 72 -0.57 -19.67 -10.77
N TRP A 73 -0.23 -19.32 -9.54
CA TRP A 73 -0.09 -17.93 -9.15
C TRP A 73 1.19 -17.38 -9.78
N ASN A 74 1.18 -16.11 -10.13
CA ASN A 74 2.33 -15.46 -10.77
C ASN A 74 2.19 -13.95 -10.70
N GLY A 75 3.28 -13.26 -11.02
CA GLY A 75 3.21 -11.82 -11.32
C GLY A 75 2.46 -11.58 -12.62
N PHE A 76 2.29 -10.30 -12.96
CA PHE A 76 1.54 -9.91 -14.14
C PHE A 76 2.47 -9.62 -15.30
N GLY A 77 2.15 -10.14 -16.48
CA GLY A 77 2.95 -9.87 -17.67
C GLY A 77 2.51 -10.61 -18.93
N GLY A 78 3.42 -10.63 -19.90
CA GLY A 78 3.16 -11.24 -21.19
C GLY A 78 4.24 -10.91 -22.19
N LYS A 79 3.96 -11.19 -23.47
CA LYS A 79 4.88 -10.90 -24.56
C LYS A 79 5.05 -9.39 -24.72
N VAL A 80 6.26 -8.96 -25.05
CA VAL A 80 6.52 -7.56 -25.41
C VAL A 80 6.20 -7.41 -26.88
N GLN A 81 5.37 -6.43 -27.20
CA GLN A 81 4.93 -6.17 -28.57
C GLN A 81 5.91 -5.31 -29.35
N GLU A 82 5.70 -5.27 -30.65
CA GLU A 82 6.44 -4.40 -31.54
C GLU A 82 5.96 -2.98 -31.30
N GLY A 83 6.90 -2.03 -31.23
CA GLY A 83 6.56 -0.62 -31.07
C GLY A 83 6.44 -0.13 -29.64
N GLU A 84 6.76 -0.99 -28.66
CA GLU A 84 6.78 -0.58 -27.25
C GLU A 84 8.09 -1.01 -26.60
N THR A 85 8.53 -0.22 -25.61
CA THR A 85 9.68 -0.59 -24.79
C THR A 85 9.30 -1.75 -23.90
N ILE A 86 10.29 -2.35 -23.24
CA ILE A 86 10.03 -3.46 -22.32
C ILE A 86 9.19 -2.96 -21.13
N GLU A 87 9.58 -1.80 -20.57
CA GLU A 87 8.83 -1.20 -19.47
C GLU A 87 7.38 -0.85 -19.85
N ASP A 88 7.16 -0.33 -21.05
CA ASP A 88 5.79 -0.05 -21.53
C ASP A 88 4.94 -1.32 -21.64
N GLY A 89 5.53 -2.40 -22.16
CA GLY A 89 4.86 -3.71 -22.21
C GLY A 89 4.49 -4.27 -20.86
N ALA A 90 5.35 -4.03 -19.87
CA ALA A 90 5.08 -4.42 -18.49
C ALA A 90 3.91 -3.63 -17.87
N ARG A 91 3.91 -2.31 -18.07
CA ARG A 91 2.81 -1.45 -17.59
C ARG A 91 1.50 -1.81 -18.28
N ARG A 92 1.57 -2.01 -19.59
CA ARG A 92 0.41 -2.41 -20.39
C ARG A 92 -0.17 -3.74 -19.88
N GLU A 93 0.70 -4.74 -19.75
CA GLU A 93 0.26 -6.06 -19.27
C GLU A 93 -0.27 -6.02 -17.83
N LEU A 94 0.25 -5.12 -17.01
CA LEU A 94 -0.30 -4.91 -15.66
C LEU A 94 -1.74 -4.37 -15.74
N GLN A 95 -1.93 -3.33 -16.56
CA GLN A 95 -3.25 -2.74 -16.82
C GLN A 95 -4.22 -3.78 -17.41
N GLU A 96 -3.83 -4.46 -18.48
CA GLU A 96 -4.68 -5.46 -19.13
C GLU A 96 -5.11 -6.60 -18.19
N GLU A 97 -4.20 -7.05 -17.33
CA GLU A 97 -4.46 -8.22 -16.46
C GLU A 97 -5.04 -7.89 -15.08
N SER A 98 -4.68 -6.74 -14.52
CA SER A 98 -5.13 -6.34 -13.18
C SER A 98 -5.88 -5.00 -13.11
N GLY A 99 -5.98 -4.28 -14.22
CA GLY A 99 -6.60 -2.94 -14.21
C GLY A 99 -5.83 -1.86 -13.46
N LEU A 100 -4.58 -2.12 -13.07
CA LEU A 100 -3.80 -1.18 -12.27
C LEU A 100 -2.87 -0.36 -13.16
N THR A 101 -2.83 0.95 -12.90
CA THR A 101 -1.78 1.82 -13.42
C THR A 101 -0.80 2.00 -12.28
N VAL A 102 0.37 2.55 -12.60
CA VAL A 102 1.44 2.68 -11.64
C VAL A 102 2.22 3.98 -11.84
N ASP A 103 2.75 4.52 -10.75
CA ASP A 103 3.56 5.73 -10.80
C ASP A 103 4.88 5.47 -11.52
N ALA A 104 5.58 4.42 -11.09
CA ALA A 104 6.85 3.99 -11.70
C ALA A 104 7.14 2.51 -11.46
N LEU A 105 7.83 1.89 -12.40
CA LEU A 105 8.32 0.51 -12.28
C LEU A 105 9.83 0.55 -12.16
N HIS A 106 10.40 -0.43 -11.47
CA HIS A 106 11.85 -0.58 -11.39
C HIS A 106 12.28 -1.96 -11.86
N LYS A 107 13.37 -2.00 -12.64
CA LYS A 107 13.95 -3.25 -13.12
C LYS A 107 14.60 -3.97 -11.95
N VAL A 108 14.18 -5.19 -11.69
CA VAL A 108 14.78 -5.99 -10.61
C VAL A 108 15.49 -7.25 -11.09
N GLY A 109 15.20 -7.73 -12.31
CA GLY A 109 15.94 -8.85 -12.83
C GLY A 109 15.59 -9.27 -14.23
N GLN A 110 16.41 -10.18 -14.73
CA GLN A 110 16.21 -10.80 -16.03
C GLN A 110 16.35 -12.30 -15.83
N ILE A 111 15.38 -13.08 -16.31
CA ILE A 111 15.43 -14.53 -16.22
C ILE A 111 15.20 -15.11 -17.59
N VAL A 112 16.17 -15.91 -18.05
CA VAL A 112 16.07 -16.59 -19.33
C VAL A 112 15.57 -18.00 -19.04
N PHE A 113 14.54 -18.43 -19.75
CA PHE A 113 14.01 -19.78 -19.60
C PHE A 113 14.23 -20.56 -20.88
N GLU A 114 14.86 -21.73 -20.75
CA GLU A 114 14.99 -22.66 -21.85
C GLU A 114 14.09 -23.85 -21.57
N PHE A 115 13.28 -24.21 -22.56
CA PHE A 115 12.48 -25.42 -22.49
C PHE A 115 13.06 -26.43 -23.46
N VAL A 116 13.38 -27.62 -22.94
CA VAL A 116 13.96 -28.68 -23.74
C VAL A 116 13.00 -29.02 -24.89
N GLY A 117 13.48 -28.87 -26.14
CA GLY A 117 12.67 -29.11 -27.32
C GLY A 117 12.23 -27.86 -28.05
N GLU A 118 11.83 -26.83 -27.30
CA GLU A 118 11.47 -25.55 -27.91
C GLU A 118 12.75 -24.82 -28.31
N PRO A 119 12.82 -24.34 -29.57
CA PRO A 119 14.04 -23.65 -30.02
C PRO A 119 14.23 -22.27 -29.40
N GLU A 120 13.14 -21.52 -29.18
CA GLU A 120 13.25 -20.17 -28.64
C GLU A 120 13.25 -20.09 -27.13
N LEU A 121 14.12 -19.24 -26.60
CA LEU A 121 14.21 -18.98 -25.17
C LEU A 121 13.21 -17.90 -24.80
N MET A 122 12.75 -17.91 -23.55
CA MET A 122 11.93 -16.81 -23.02
C MET A 122 12.81 -15.90 -22.18
N ASP A 123 13.03 -14.69 -22.68
CA ASP A 123 13.81 -13.67 -21.98
C ASP A 123 12.85 -12.79 -21.17
N VAL A 124 12.64 -13.16 -19.90
CA VAL A 124 11.67 -12.49 -19.03
C VAL A 124 12.31 -11.36 -18.22
N HIS A 125 11.89 -10.12 -18.49
CA HIS A 125 12.36 -8.95 -17.76
C HIS A 125 11.42 -8.69 -16.58
N VAL A 126 11.97 -8.73 -15.37
CA VAL A 126 11.18 -8.65 -14.14
C VAL A 126 11.19 -7.23 -13.58
N PHE A 127 10.03 -6.79 -13.11
CA PHE A 127 9.84 -5.46 -12.54
C PHE A 127 9.12 -5.53 -11.22
N CYS A 128 9.40 -4.55 -10.35
CA CYS A 128 8.71 -4.38 -9.08
C CYS A 128 8.13 -2.97 -9.00
N THR A 129 7.16 -2.80 -8.10
CA THR A 129 6.61 -1.48 -7.78
C THR A 129 5.89 -1.44 -6.44
N ASP A 130 5.83 -0.22 -5.88
CA ASP A 130 5.25 0.01 -4.56
C ASP A 130 3.94 0.81 -4.67
N SER A 131 4.00 1.99 -5.29
CA SER A 131 2.82 2.85 -5.45
C SER A 131 1.98 2.49 -6.67
N ILE A 132 0.97 1.65 -6.44
CA ILE A 132 -0.08 1.38 -7.45
C ILE A 132 -1.19 2.42 -7.37
N GLN A 133 -1.93 2.54 -8.47
CA GLN A 133 -3.07 3.45 -8.56
C GLN A 133 -4.34 2.66 -8.82
N GLY A 134 -5.31 2.79 -7.92
CA GLY A 134 -6.58 2.07 -8.03
C GLY A 134 -6.58 0.75 -7.28
N THR A 135 -7.59 -0.07 -7.57
CA THR A 135 -7.79 -1.37 -6.92
C THR A 135 -7.71 -2.46 -7.97
N PRO A 136 -7.10 -3.60 -7.63
CA PRO A 136 -7.00 -4.68 -8.64
C PRO A 136 -8.36 -5.24 -9.02
N VAL A 137 -8.57 -5.47 -10.30
CA VAL A 137 -9.82 -6.05 -10.80
C VAL A 137 -9.49 -7.30 -11.62
N GLU A 138 -10.43 -8.24 -11.64
CA GLU A 138 -10.25 -9.49 -12.34
C GLU A 138 -10.37 -9.30 -13.86
N SER A 139 -9.44 -9.91 -14.59
CA SER A 139 -9.47 -9.93 -16.06
C SER A 139 -9.82 -11.34 -16.54
N ASP A 140 -9.88 -11.52 -17.85
CA ASP A 140 -10.04 -12.84 -18.46
C ASP A 140 -8.84 -13.76 -18.17
N GLU A 141 -7.64 -13.18 -18.11
CA GLU A 141 -6.40 -13.92 -17.84
C GLU A 141 -6.15 -14.19 -16.36
N MET A 142 -6.30 -13.16 -15.51
CA MET A 142 -5.80 -13.20 -14.13
C MET A 142 -6.84 -12.87 -13.06
N ARG A 143 -6.82 -13.65 -11.97
CA ARG A 143 -7.60 -13.37 -10.77
C ARG A 143 -6.68 -12.86 -9.67
N PRO A 144 -6.68 -11.55 -9.38
CA PRO A 144 -5.73 -11.02 -8.37
C PRO A 144 -6.07 -11.42 -6.94
N CYS A 145 -5.04 -11.44 -6.08
CA CYS A 145 -5.18 -11.72 -4.66
C CYS A 145 -3.91 -11.29 -3.92
N TRP A 146 -4.06 -10.58 -2.80
CA TRP A 146 -2.91 -10.24 -1.95
C TRP A 146 -2.46 -11.45 -1.14
N PHE A 147 -1.16 -11.54 -0.91
CA PHE A 147 -0.58 -12.55 -0.01
C PHE A 147 0.42 -11.87 0.90
N GLN A 148 0.45 -12.28 2.16
CA GLN A 148 1.52 -11.90 3.08
C GLN A 148 2.82 -12.56 2.62
N LEU A 149 3.94 -11.88 2.87
CA LEU A 149 5.24 -12.29 2.34
C LEU A 149 5.73 -13.66 2.83
N ASP A 150 5.24 -14.08 4.00
CA ASP A 150 5.51 -15.42 4.55
C ASP A 150 4.40 -16.46 4.25
N GLN A 151 3.46 -16.13 3.36
CA GLN A 151 2.39 -17.03 2.97
C GLN A 151 2.26 -17.10 1.44
N ILE A 152 3.37 -16.90 0.74
CA ILE A 152 3.40 -16.93 -0.72
C ILE A 152 3.29 -18.40 -1.14
N PRO A 153 2.34 -18.73 -2.05
CA PRO A 153 2.06 -20.13 -2.34
C PRO A 153 3.00 -20.73 -3.40
N PHE A 154 4.27 -20.87 -3.03
CA PHE A 154 5.30 -21.36 -3.95
C PHE A 154 4.98 -22.73 -4.52
N LYS A 155 4.30 -23.56 -3.73
CA LYS A 155 3.81 -24.86 -4.19
C LYS A 155 2.87 -24.76 -5.40
N ASP A 156 2.10 -23.66 -5.50
CA ASP A 156 1.19 -23.41 -6.63
C ASP A 156 1.69 -22.27 -7.54
N MET A 157 3.00 -22.22 -7.75
CA MET A 157 3.63 -21.24 -8.64
C MET A 157 4.64 -21.97 -9.51
N TRP A 158 5.21 -21.26 -10.50
CA TRP A 158 6.32 -21.80 -11.29
C TRP A 158 7.45 -22.15 -10.32
N PRO A 159 8.02 -23.39 -10.41
CA PRO A 159 9.01 -23.84 -9.41
C PRO A 159 10.23 -22.92 -9.22
N ASP A 160 10.63 -22.22 -10.28
CA ASP A 160 11.74 -21.28 -10.20
C ASP A 160 11.52 -20.11 -9.24
N ASP A 161 10.26 -19.71 -9.03
CA ASP A 161 9.94 -18.55 -8.19
C ASP A 161 10.56 -18.65 -6.79
N SER A 162 10.50 -19.86 -6.20
CA SER A 162 11.17 -20.19 -4.93
C SER A 162 12.60 -19.63 -4.83
N TYR A 163 13.36 -19.78 -5.92
CA TYR A 163 14.77 -19.48 -5.93
C TYR A 163 15.08 -17.99 -5.96
N TRP A 164 14.34 -17.24 -6.78
CA TRP A 164 14.66 -15.81 -7.02
C TRP A 164 13.83 -14.80 -6.23
N PHE A 165 12.68 -15.21 -5.69
CA PHE A 165 11.89 -14.35 -4.82
C PHE A 165 12.69 -13.77 -3.64
N PRO A 166 13.47 -14.60 -2.92
CA PRO A 166 14.27 -14.07 -1.81
C PRO A 166 15.14 -12.86 -2.17
N LEU A 167 15.71 -12.87 -3.38
CA LEU A 167 16.48 -11.73 -3.89
C LEU A 167 15.58 -10.54 -4.17
N LEU A 168 14.41 -10.81 -4.75
CA LEU A 168 13.37 -9.79 -4.97
C LEU A 168 13.00 -9.08 -3.66
N LEU A 169 12.75 -9.86 -2.62
CA LEU A 169 12.33 -9.32 -1.33
C LEU A 169 13.45 -8.54 -0.66
N GLN A 170 14.70 -8.95 -0.89
CA GLN A 170 15.88 -8.24 -0.38
C GLN A 170 16.31 -7.03 -1.23
N LYS A 171 15.62 -6.79 -2.35
CA LYS A 171 15.90 -5.69 -3.28
C LYS A 171 17.29 -5.80 -3.95
N LYS A 172 17.75 -7.04 -4.13
CA LYS A 172 18.94 -7.31 -4.91
C LYS A 172 18.52 -7.55 -6.34
N LYS A 173 19.21 -6.90 -7.29
CA LYS A 173 18.99 -7.16 -8.72
C LYS A 173 19.61 -8.51 -9.09
N PHE A 174 19.11 -9.17 -10.13
CA PHE A 174 19.61 -10.51 -10.47
C PHE A 174 19.45 -10.91 -11.93
N HIS A 175 20.31 -11.83 -12.36
CA HIS A 175 20.21 -12.50 -13.65
C HIS A 175 20.01 -13.97 -13.34
N GLY A 176 18.94 -14.55 -13.90
CA GLY A 176 18.64 -15.96 -13.72
C GLY A 176 18.62 -16.72 -15.03
N TYR A 177 18.88 -18.02 -14.95
CA TYR A 177 18.65 -18.93 -16.07
C TYR A 177 18.09 -20.22 -15.50
N PHE A 178 17.06 -20.76 -16.14
CA PHE A 178 16.46 -22.02 -15.74
C PHE A 178 16.16 -22.86 -16.97
N LYS A 179 16.69 -24.07 -16.99
CA LYS A 179 16.38 -25.03 -18.04
C LYS A 179 15.30 -25.94 -17.50
N PHE A 180 14.16 -25.98 -18.21
CA PHE A 180 12.99 -26.77 -17.79
C PHE A 180 12.78 -27.97 -18.71
N GLN A 181 12.32 -29.08 -18.12
CA GLN A 181 11.78 -30.21 -18.88
C GLN A 181 10.30 -30.33 -18.52
N GLY A 182 9.44 -29.92 -19.46
CA GLY A 182 8.04 -29.72 -19.17
C GLY A 182 7.86 -28.50 -18.28
N GLN A 183 6.77 -28.46 -17.52
CA GLN A 183 6.44 -27.30 -16.70
C GLN A 183 6.79 -27.44 -15.21
N ASP A 184 7.13 -28.65 -14.77
CA ASP A 184 7.40 -28.94 -13.35
C ASP A 184 8.87 -29.25 -12.96
N THR A 185 9.70 -29.65 -13.93
CA THR A 185 11.06 -30.14 -13.65
C THR A 185 12.15 -29.16 -14.12
N ILE A 186 12.87 -28.57 -13.16
CA ILE A 186 14.06 -27.77 -13.44
C ILE A 186 15.23 -28.74 -13.52
N LEU A 187 15.93 -28.78 -14.65
CA LEU A 187 17.13 -29.60 -14.82
C LEU A 187 18.37 -28.83 -14.38
N ASP A 188 18.51 -27.63 -14.90
CA ASP A 188 19.65 -26.76 -14.62
C ASP A 188 19.16 -25.40 -14.23
N TYR A 189 19.97 -24.69 -13.45
CA TYR A 189 19.72 -23.29 -13.20
C TYR A 189 20.97 -22.55 -12.75
N THR A 190 21.03 -21.26 -13.08
CA THR A 190 22.01 -20.34 -12.51
C THR A 190 21.30 -19.10 -12.00
N LEU A 191 21.93 -18.44 -11.04
CA LEU A 191 21.34 -17.27 -10.41
C LEU A 191 22.43 -16.42 -9.78
N ARG A 192 22.58 -15.17 -10.22
CA ARG A 192 23.62 -14.30 -9.70
C ARG A 192 23.12 -12.89 -9.44
N GLU A 193 23.67 -12.25 -8.40
CA GLU A 193 23.36 -10.86 -8.10
C GLU A 193 24.05 -10.00 -9.15
N VAL A 194 23.40 -8.94 -9.61
CA VAL A 194 24.00 -8.02 -10.56
C VAL A 194 23.78 -6.58 -10.08
N ASP A 195 24.45 -5.67 -10.75
CA ASP A 195 24.41 -4.26 -10.40
C ASP A 195 23.41 -3.49 -11.27
N THR A 196 23.34 -3.86 -12.55
CA THR A 196 22.33 -3.36 -13.48
C THR A 196 21.82 -4.53 -14.30
N VAL A 197 20.51 -4.57 -14.48
CA VAL A 197 19.86 -5.66 -15.20
C VAL A 197 20.12 -5.49 -16.69
N ALA B 44 5.27 7.65 6.50
CA ALA B 44 5.22 7.01 7.85
C ALA B 44 3.82 7.17 8.47
N SER B 45 3.21 6.04 8.85
CA SER B 45 1.86 6.03 9.37
C SER B 45 1.63 4.90 10.38
N ARG B 46 0.71 5.12 11.31
CA ARG B 46 0.38 4.17 12.36
C ARG B 46 -0.99 3.58 12.03
N LEU B 47 -1.12 2.26 12.17
CA LEU B 47 -2.36 1.57 11.85
C LEU B 47 -3.37 1.77 12.98
N TYR B 48 -4.63 2.04 12.60
CA TYR B 48 -5.77 2.07 13.51
C TYR B 48 -6.93 1.28 12.91
N THR B 49 -7.89 0.91 13.76
CA THR B 49 -9.10 0.22 13.33
C THR B 49 -10.32 1.03 13.71
N LEU B 50 -11.42 0.81 13.00
CA LEU B 50 -12.71 1.41 13.37
C LEU B 50 -13.82 0.46 12.98
N VAL B 51 -14.71 0.17 13.93
CA VAL B 51 -15.74 -0.87 13.75
C VAL B 51 -17.11 -0.28 13.93
N LEU B 52 -17.96 -0.46 12.89
CA LEU B 52 -19.35 -0.01 12.91
C LEU B 52 -20.25 -1.23 12.96
N VAL B 53 -20.97 -1.41 14.06
CA VAL B 53 -21.95 -2.48 14.18
C VAL B 53 -23.22 -2.01 13.46
N LEU B 54 -23.35 -2.41 12.20
CA LEU B 54 -24.44 -1.98 11.33
C LEU B 54 -25.49 -3.08 11.19
N GLN B 55 -26.69 -2.80 11.69
CA GLN B 55 -27.84 -3.70 11.59
C GLN B 55 -28.88 -3.08 10.66
N PRO B 56 -29.89 -3.88 10.19
CA PRO B 56 -30.82 -3.39 9.17
C PRO B 56 -31.38 -1.97 9.36
N GLN B 57 -31.76 -1.62 10.59
CA GLN B 57 -32.41 -0.33 10.86
C GLN B 57 -31.70 0.55 11.91
N ARG B 58 -30.49 0.17 12.30
CA ARG B 58 -29.75 0.92 13.34
C ARG B 58 -28.25 0.65 13.33
N VAL B 59 -27.52 1.58 13.95
CA VAL B 59 -26.06 1.47 14.10
C VAL B 59 -25.66 1.76 15.56
N LEU B 60 -24.69 1.01 16.06
CA LEU B 60 -24.18 1.21 17.42
C LEU B 60 -23.00 2.18 17.39
N LEU B 61 -23.07 3.20 18.24
CA LEU B 61 -21.97 4.15 18.39
C LEU B 61 -21.61 4.28 19.86
N GLY B 62 -20.35 4.62 20.11
CA GLY B 62 -19.85 4.82 21.46
C GLY B 62 -19.53 6.27 21.68
N MET B 63 -20.03 6.82 22.78
CA MET B 63 -19.61 8.14 23.23
C MET B 63 -18.23 7.97 23.87
N LYS B 64 -17.23 8.61 23.28
CA LYS B 64 -15.86 8.56 23.79
C LYS B 64 -15.75 9.40 25.06
N LYS B 65 -15.35 8.76 26.16
CA LYS B 65 -15.41 9.35 27.50
C LYS B 65 -14.11 10.07 27.90
N ARG B 66 -12.96 9.49 27.54
CA ARG B 66 -11.65 10.02 27.91
C ARG B 66 -10.72 10.16 26.70
N GLY B 67 -9.81 11.13 26.76
CA GLY B 67 -8.69 11.22 25.82
C GLY B 67 -9.03 11.75 24.43
N PHE B 68 -8.56 11.02 23.42
CA PHE B 68 -8.62 11.46 22.02
C PHE B 68 -10.03 11.24 21.47
N GLY B 69 -10.58 12.28 20.84
CA GLY B 69 -11.95 12.26 20.32
C GLY B 69 -13.02 12.24 21.39
N ALA B 70 -12.70 12.75 22.58
CA ALA B 70 -13.63 12.72 23.72
C ALA B 70 -14.80 13.67 23.50
N GLY B 71 -15.96 13.29 24.02
CA GLY B 71 -17.20 14.04 23.82
C GLY B 71 -17.82 13.86 22.45
N ARG B 72 -17.39 12.85 21.69
CA ARG B 72 -17.91 12.60 20.35
C ARG B 72 -18.32 11.15 20.15
N TRP B 73 -19.44 10.96 19.46
CA TRP B 73 -19.86 9.61 19.10
C TRP B 73 -18.96 9.09 17.99
N ASN B 74 -18.71 7.79 17.99
CA ASN B 74 -17.86 7.16 16.99
C ASN B 74 -18.07 5.65 16.98
N GLY B 75 -17.53 4.98 15.96
CA GLY B 75 -17.37 3.54 15.98
C GLY B 75 -16.33 3.12 17.01
N PHE B 76 -16.14 1.82 17.15
CA PHE B 76 -15.23 1.26 18.16
C PHE B 76 -13.90 0.93 17.52
N GLY B 77 -12.81 1.31 18.20
CA GLY B 77 -11.48 1.02 17.68
C GLY B 77 -10.34 1.61 18.48
N GLY B 78 -9.16 1.59 17.87
CA GLY B 78 -7.95 2.08 18.51
C GLY B 78 -6.72 1.72 17.71
N LYS B 79 -5.55 1.86 18.33
CA LYS B 79 -4.28 1.48 17.70
C LYS B 79 -4.23 0.00 17.47
N VAL B 80 -3.62 -0.41 16.37
CA VAL B 80 -3.27 -1.81 16.14
C VAL B 80 -1.94 -2.03 16.84
N GLN B 81 -1.91 -3.07 17.68
CA GLN B 81 -0.74 -3.41 18.46
C GLN B 81 0.23 -4.26 17.65
N GLU B 82 1.44 -4.36 18.19
CA GLU B 82 2.47 -5.22 17.66
C GLU B 82 2.08 -6.66 18.00
N GLY B 83 2.22 -7.56 17.03
CA GLY B 83 1.88 -8.97 17.27
C GLY B 83 0.45 -9.38 16.99
N GLU B 84 -0.37 -8.47 16.45
CA GLU B 84 -1.74 -8.80 16.00
C GLU B 84 -2.00 -8.28 14.59
N THR B 85 -2.87 -8.97 13.86
CA THR B 85 -3.33 -8.51 12.54
C THR B 85 -4.23 -7.30 12.75
N ILE B 86 -4.56 -6.63 11.65
CA ILE B 86 -5.45 -5.48 11.69
C ILE B 86 -6.86 -5.95 12.12
N GLU B 87 -7.33 -7.06 11.54
CA GLU B 87 -8.63 -7.61 11.91
C GLU B 87 -8.71 -8.03 13.38
N ASP B 88 -7.64 -8.64 13.90
CA ASP B 88 -7.59 -9.00 15.33
C ASP B 88 -7.66 -7.77 16.24
N GLY B 89 -6.93 -6.71 15.90
CA GLY B 89 -6.99 -5.44 16.62
C GLY B 89 -8.37 -4.78 16.64
N ALA B 90 -9.09 -4.91 15.52
CA ALA B 90 -10.47 -4.44 15.43
C ALA B 90 -11.43 -5.23 16.32
N ARG B 91 -11.32 -6.56 16.29
CA ARG B 91 -12.13 -7.43 17.16
C ARG B 91 -11.83 -7.19 18.63
N ARG B 92 -10.53 -7.09 18.93
CA ARG B 92 -10.07 -6.80 20.30
C ARG B 92 -10.62 -5.48 20.80
N GLU B 93 -10.45 -4.42 20.00
CA GLU B 93 -10.94 -3.09 20.39
C GLU B 93 -12.47 -3.05 20.51
N LEU B 94 -13.18 -3.84 19.71
CA LEU B 94 -14.63 -3.96 19.87
C LEU B 94 -15.00 -4.59 21.22
N GLN B 95 -14.34 -5.70 21.54
CA GLN B 95 -14.50 -6.39 22.83
C GLN B 95 -14.12 -5.49 24.02
N GLU B 96 -12.93 -4.89 23.97
CA GLU B 96 -12.47 -4.01 25.07
C GLU B 96 -13.41 -2.82 25.32
N GLU B 97 -13.95 -2.22 24.26
CA GLU B 97 -14.75 -0.99 24.37
C GLU B 97 -16.26 -1.22 24.52
N SER B 98 -16.79 -2.29 23.91
CA SER B 98 -18.22 -2.58 23.96
C SER B 98 -18.61 -3.95 24.55
N GLY B 99 -17.63 -4.77 24.90
CA GLY B 99 -17.90 -6.13 25.39
C GLY B 99 -18.51 -7.10 24.38
N LEU B 100 -18.50 -6.74 23.09
CA LEU B 100 -19.14 -7.55 22.06
C LEU B 100 -18.09 -8.39 21.34
N THR B 101 -18.42 -9.67 21.14
CA THR B 101 -17.68 -10.55 20.25
C THR B 101 -18.52 -10.61 18.98
N VAL B 102 -17.92 -11.10 17.91
CA VAL B 102 -18.58 -11.09 16.61
C VAL B 102 -18.27 -12.35 15.82
N ASP B 103 -19.20 -12.77 14.98
CA ASP B 103 -19.02 -13.93 14.12
C ASP B 103 -17.96 -13.65 13.06
N ALA B 104 -18.13 -12.52 12.36
CA ALA B 104 -17.18 -12.07 11.33
C ALA B 104 -17.24 -10.56 11.11
N LEU B 105 -16.09 -9.99 10.73
CA LEU B 105 -16.00 -8.58 10.33
C LEU B 105 -15.74 -8.51 8.85
N HIS B 106 -16.21 -7.45 8.20
CA HIS B 106 -15.89 -7.21 6.79
C HIS B 106 -15.22 -5.84 6.60
N LYS B 107 -14.21 -5.81 5.74
CA LYS B 107 -13.50 -4.59 5.39
C LYS B 107 -14.40 -3.73 4.53
N VAL B 108 -14.65 -2.50 4.96
CA VAL B 108 -15.46 -1.55 4.17
C VAL B 108 -14.70 -0.33 3.71
N GLY B 109 -13.57 0.00 4.33
CA GLY B 109 -12.77 1.10 3.79
C GLY B 109 -11.51 1.40 4.55
N GLN B 110 -10.76 2.35 3.99
CA GLN B 110 -9.52 2.82 4.57
C GLN B 110 -9.57 4.34 4.53
N ILE B 111 -9.28 4.99 5.66
CA ILE B 111 -9.22 6.44 5.72
C ILE B 111 -7.91 6.85 6.33
N VAL B 112 -7.15 7.66 5.60
CA VAL B 112 -5.89 8.20 6.07
C VAL B 112 -6.17 9.59 6.62
N PHE B 113 -5.71 9.86 7.84
CA PHE B 113 -5.85 11.18 8.46
C PHE B 113 -4.48 11.81 8.62
N GLU B 114 -4.33 13.03 8.14
CA GLU B 114 -3.17 13.85 8.43
C GLU B 114 -3.58 14.95 9.39
N PHE B 115 -2.81 15.11 10.46
CA PHE B 115 -2.96 16.24 11.35
C PHE B 115 -1.78 17.18 11.14
N VAL B 116 -2.09 18.44 10.86
CA VAL B 116 -1.07 19.47 10.69
C VAL B 116 -0.20 19.54 11.95
N GLY B 117 1.11 19.30 11.78
CA GLY B 117 2.06 19.31 12.89
C GLY B 117 2.53 17.93 13.31
N GLU B 118 1.63 16.95 13.35
CA GLU B 118 2.01 15.58 13.65
C GLU B 118 2.68 14.96 12.42
N PRO B 119 3.87 14.36 12.60
CA PRO B 119 4.58 13.76 11.46
C PRO B 119 3.91 12.50 10.92
N GLU B 120 3.36 11.67 11.80
CA GLU B 120 2.76 10.40 11.40
C GLU B 120 1.28 10.55 11.00
N LEU B 121 0.91 9.86 9.93
CA LEU B 121 -0.47 9.79 9.46
C LEU B 121 -1.19 8.67 10.21
N MET B 122 -2.50 8.78 10.36
CA MET B 122 -3.34 7.73 10.96
C MET B 122 -4.02 6.97 9.83
N ASP B 123 -3.58 5.73 9.62
CA ASP B 123 -4.14 4.85 8.59
C ASP B 123 -5.25 4.00 9.25
N VAL B 124 -6.49 4.49 9.17
CA VAL B 124 -7.63 3.86 9.83
C VAL B 124 -8.33 2.85 8.91
N HIS B 125 -8.29 1.57 9.30
CA HIS B 125 -8.96 0.51 8.55
C HIS B 125 -10.36 0.32 9.14
N VAL B 126 -11.38 0.51 8.29
CA VAL B 126 -12.77 0.52 8.74
C VAL B 126 -13.43 -0.84 8.48
N PHE B 127 -14.22 -1.28 9.45
CA PHE B 127 -14.91 -2.56 9.38
C PHE B 127 -16.39 -2.40 9.76
N CYS B 128 -17.21 -3.30 9.22
N CYS B 128 -17.21 -3.30 9.22
CA CYS B 128 -18.63 -3.39 9.56
CA CYS B 128 -18.63 -3.40 9.56
C CYS B 128 -18.95 -4.81 9.99
C CYS B 128 -18.95 -4.81 9.99
N THR B 129 -20.08 -4.97 10.68
CA THR B 129 -20.62 -6.29 11.02
C THR B 129 -22.10 -6.25 11.37
N ASP B 130 -22.75 -7.40 11.18
CA ASP B 130 -24.19 -7.55 11.36
C ASP B 130 -24.49 -8.44 12.58
N SER B 131 -23.96 -9.67 12.57
CA SER B 131 -24.19 -10.64 13.65
C SER B 131 -23.21 -10.46 14.82
N ILE B 132 -23.65 -9.67 15.80
CA ILE B 132 -22.95 -9.54 17.08
C ILE B 132 -23.38 -10.65 18.04
N GLN B 133 -22.53 -10.89 19.04
CA GLN B 133 -22.80 -11.86 20.10
C GLN B 133 -22.84 -11.13 21.44
N GLY B 134 -23.99 -11.22 22.11
CA GLY B 134 -24.22 -10.55 23.39
C GLY B 134 -24.85 -9.18 23.24
N THR B 135 -24.82 -8.43 24.33
CA THR B 135 -25.38 -7.08 24.43
C THR B 135 -24.26 -6.11 24.75
N PRO B 136 -24.29 -4.89 24.18
CA PRO B 136 -23.22 -3.94 24.47
C PRO B 136 -23.19 -3.51 25.92
N VAL B 137 -21.98 -3.42 26.47
CA VAL B 137 -21.79 -2.97 27.86
C VAL B 137 -20.83 -1.79 27.87
N GLU B 138 -20.97 -0.92 28.86
CA GLU B 138 -20.14 0.27 28.98
C GLU B 138 -18.73 -0.08 29.46
N SER B 139 -17.73 0.52 28.82
CA SER B 139 -16.33 0.40 29.22
C SER B 139 -15.85 1.73 29.81
N ASP B 140 -14.59 1.76 30.24
CA ASP B 140 -13.94 3.01 30.66
C ASP B 140 -13.84 4.04 29.52
N GLU B 141 -13.63 3.55 28.30
CA GLU B 141 -13.49 4.39 27.11
C GLU B 141 -14.84 4.83 26.50
N MET B 142 -15.77 3.88 26.33
CA MET B 142 -16.96 4.08 25.49
C MET B 142 -18.29 3.79 26.19
N ARG B 143 -19.27 4.66 25.96
CA ARG B 143 -20.65 4.45 26.39
C ARG B 143 -21.50 4.13 25.16
N PRO B 144 -21.89 2.85 24.98
CA PRO B 144 -22.64 2.49 23.77
C PRO B 144 -24.08 3.02 23.74
N CYS B 145 -24.62 3.18 22.54
CA CYS B 145 -26.01 3.57 22.32
C CYS B 145 -26.40 3.27 20.88
N TRP B 146 -27.57 2.67 20.67
CA TRP B 146 -28.12 2.47 19.32
C TRP B 146 -28.68 3.76 18.77
N PHE B 147 -28.54 3.96 17.46
CA PHE B 147 -29.18 5.07 16.74
C PHE B 147 -29.83 4.53 15.48
N GLN B 148 -30.99 5.06 15.14
CA GLN B 148 -31.60 4.81 13.84
C GLN B 148 -30.75 5.47 12.76
N LEU B 149 -30.74 4.87 11.57
CA LEU B 149 -29.81 5.27 10.50
C LEU B 149 -30.06 6.69 9.98
N ASP B 150 -31.28 7.20 10.15
CA ASP B 150 -31.64 8.59 9.82
C ASP B 150 -31.57 9.57 11.01
N GLN B 151 -31.01 9.13 12.14
CA GLN B 151 -30.88 9.95 13.34
C GLN B 151 -29.45 9.89 13.90
N ILE B 152 -28.49 9.70 13.01
CA ILE B 152 -27.07 9.60 13.39
C ILE B 152 -26.60 11.02 13.74
N PRO B 153 -25.98 11.21 14.93
CA PRO B 153 -25.68 12.57 15.40
C PRO B 153 -24.36 13.12 14.82
N PHE B 154 -24.36 13.38 13.52
CA PHE B 154 -23.16 13.85 12.82
C PHE B 154 -22.59 15.13 13.41
N LYS B 155 -23.47 15.99 13.91
CA LYS B 155 -23.06 17.21 14.62
C LYS B 155 -22.17 16.93 15.83
N ASP B 156 -22.37 15.79 16.50
CA ASP B 156 -21.57 15.37 17.66
C ASP B 156 -20.63 14.19 17.34
N MET B 157 -20.08 14.19 16.12
CA MET B 157 -19.12 13.17 15.67
C MET B 157 -17.94 13.87 15.00
N TRP B 158 -16.90 13.11 14.67
CA TRP B 158 -15.79 13.62 13.87
C TRP B 158 -16.37 14.14 12.54
N PRO B 159 -16.04 15.38 12.14
CA PRO B 159 -16.67 16.00 10.95
C PRO B 159 -16.59 15.18 9.65
N ASP B 160 -15.53 14.41 9.49
CA ASP B 160 -15.38 13.54 8.33
C ASP B 160 -16.46 12.45 8.18
N ASP B 161 -17.04 12.01 9.30
CA ASP B 161 -18.03 10.92 9.28
C ASP B 161 -19.20 11.20 8.33
N SER B 162 -19.67 12.45 8.33
CA SER B 162 -20.68 12.95 7.37
C SER B 162 -20.45 12.48 5.94
N TYR B 163 -19.19 12.56 5.50
CA TYR B 163 -18.82 12.34 4.11
C TYR B 163 -18.84 10.87 3.72
N TRP B 164 -18.32 10.00 4.58
CA TRP B 164 -18.12 8.58 4.22
C TRP B 164 -19.18 7.59 4.74
N PHE B 165 -19.97 7.99 5.74
CA PHE B 165 -21.07 7.17 6.21
C PHE B 165 -22.06 6.75 5.11
N PRO B 166 -22.48 7.69 4.24
CA PRO B 166 -23.40 7.30 3.16
C PRO B 166 -22.91 6.11 2.31
N LEU B 167 -21.61 6.05 2.05
CA LEU B 167 -20.99 4.94 1.33
C LEU B 167 -21.05 3.66 2.17
N LEU B 168 -20.76 3.79 3.47
CA LEU B 168 -20.88 2.70 4.44
C LEU B 168 -22.28 2.08 4.41
N LEU B 169 -23.30 2.94 4.47
CA LEU B 169 -24.68 2.49 4.51
C LEU B 169 -25.11 1.83 3.19
N GLN B 170 -24.54 2.32 2.08
CA GLN B 170 -24.79 1.72 0.75
C GLN B 170 -23.95 0.48 0.45
N LYS B 171 -23.05 0.09 1.37
CA LYS B 171 -22.18 -1.07 1.21
C LYS B 171 -21.17 -0.92 0.06
N LYS B 172 -20.79 0.32 -0.24
CA LYS B 172 -19.73 0.60 -1.19
C LYS B 172 -18.43 0.66 -0.41
N LYS B 173 -17.39 -0.01 -0.90
CA LYS B 173 -16.06 0.12 -0.30
C LYS B 173 -15.45 1.47 -0.68
N PHE B 174 -14.52 1.99 0.12
CA PHE B 174 -13.98 3.34 -0.16
C PHE B 174 -12.59 3.58 0.40
N HIS B 175 -11.89 4.52 -0.23
CA HIS B 175 -10.60 5.01 0.24
C HIS B 175 -10.79 6.50 0.50
N GLY B 176 -10.47 6.95 1.71
CA GLY B 176 -10.60 8.36 2.07
C GLY B 176 -9.31 8.96 2.56
N TYR B 177 -9.20 10.28 2.45
CA TYR B 177 -8.10 11.04 3.04
C TYR B 177 -8.67 12.35 3.57
N PHE B 178 -8.28 12.75 4.78
CA PHE B 178 -8.71 14.00 5.38
C PHE B 178 -7.54 14.66 6.09
N LYS B 179 -7.22 15.89 5.72
CA LYS B 179 -6.23 16.70 6.41
C LYS B 179 -6.95 17.58 7.42
N PHE B 180 -6.60 17.44 8.69
CA PHE B 180 -7.23 18.18 9.78
C PHE B 180 -6.30 19.25 10.36
N GLN B 181 -6.89 20.38 10.76
CA GLN B 181 -6.20 21.37 11.59
C GLN B 181 -6.94 21.43 12.92
N GLY B 182 -6.33 20.86 13.96
CA GLY B 182 -7.03 20.62 15.21
C GLY B 182 -8.05 19.51 15.01
N GLN B 183 -9.10 19.51 15.84
CA GLN B 183 -10.10 18.46 15.82
C GLN B 183 -11.40 18.82 15.08
N ASP B 184 -11.58 20.09 14.71
CA ASP B 184 -12.85 20.58 14.10
C ASP B 184 -12.78 21.03 12.64
N THR B 185 -11.58 21.35 12.15
CA THR B 185 -11.39 21.92 10.82
C THR B 185 -10.74 20.96 9.84
N ILE B 186 -11.51 20.55 8.82
CA ILE B 186 -10.99 19.80 7.67
C ILE B 186 -10.49 20.84 6.67
N LEU B 187 -9.20 20.77 6.33
CA LEU B 187 -8.61 21.64 5.31
C LEU B 187 -8.74 21.04 3.93
N ASP B 188 -8.36 19.77 3.80
CA ASP B 188 -8.38 19.03 2.55
C ASP B 188 -9.08 17.71 2.76
N TYR B 189 -9.67 17.18 1.71
CA TYR B 189 -10.12 15.80 1.74
C TYR B 189 -10.28 15.21 0.34
N THR B 190 -10.08 13.89 0.23
CA THR B 190 -10.47 13.12 -0.94
C THR B 190 -11.27 11.90 -0.52
N LEU B 191 -12.08 11.38 -1.43
CA LEU B 191 -12.92 10.23 -1.14
C LEU B 191 -13.31 9.57 -2.46
N ARG B 192 -12.98 8.29 -2.63
CA ARG B 192 -13.37 7.56 -3.83
C ARG B 192 -13.91 6.17 -3.50
N GLU B 193 -14.89 5.74 -4.28
CA GLU B 193 -15.43 4.39 -4.17
C GLU B 193 -14.43 3.45 -4.82
N VAL B 194 -14.36 2.22 -4.31
CA VAL B 194 -13.47 1.19 -4.83
C VAL B 194 -14.17 -0.16 -4.95
N GLY C 43 -20.46 30.80 -3.60
CA GLY C 43 -20.54 32.28 -3.76
C GLY C 43 -20.90 32.78 -5.15
N ALA C 44 -20.38 33.97 -5.49
CA ALA C 44 -20.46 34.56 -6.85
C ALA C 44 -19.34 34.02 -7.74
N SER C 45 -19.70 33.48 -8.92
CA SER C 45 -18.79 32.71 -9.75
C SER C 45 -19.11 32.83 -11.23
N ARG C 46 -18.09 32.63 -12.06
CA ARG C 46 -18.25 32.65 -13.51
C ARG C 46 -18.10 31.23 -14.03
N LEU C 47 -18.98 30.83 -14.95
CA LEU C 47 -18.95 29.49 -15.51
C LEU C 47 -17.84 29.35 -16.54
N TYR C 48 -17.11 28.23 -16.47
CA TYR C 48 -16.13 27.84 -17.48
C TYR C 48 -16.34 26.37 -17.87
N THR C 49 -15.78 26.00 -19.02
CA THR C 49 -15.79 24.61 -19.50
C THR C 49 -14.37 24.12 -19.64
N LEU C 50 -14.20 22.80 -19.58
CA LEU C 50 -12.89 22.18 -19.87
C LEU C 50 -13.15 20.82 -20.51
N VAL C 51 -12.50 20.56 -21.65
CA VAL C 51 -12.76 19.37 -22.46
C VAL C 51 -11.48 18.56 -22.63
N LEU C 52 -11.55 17.29 -22.24
CA LEU C 52 -10.44 16.35 -22.37
C LEU C 52 -10.80 15.30 -23.41
N VAL C 53 -10.08 15.30 -24.53
CA VAL C 53 -10.26 14.28 -25.56
C VAL C 53 -9.48 13.05 -25.10
N LEU C 54 -10.18 12.12 -24.45
CA LEU C 54 -9.54 10.90 -23.91
C LEU C 54 -9.83 9.70 -24.81
N GLN C 55 -8.77 9.14 -25.37
CA GLN C 55 -8.84 7.91 -26.17
C GLN C 55 -8.15 6.77 -25.41
N PRO C 56 -8.35 5.50 -25.82
CA PRO C 56 -7.85 4.36 -25.03
C PRO C 56 -6.42 4.48 -24.50
N GLN C 57 -5.48 4.95 -25.33
CA GLN C 57 -4.06 4.98 -24.97
C GLN C 57 -3.41 6.37 -25.07
N ARG C 58 -4.22 7.42 -25.21
CA ARG C 58 -3.69 8.78 -25.31
C ARG C 58 -4.72 9.87 -25.00
N VAL C 59 -4.21 11.05 -24.68
CA VAL C 59 -5.04 12.24 -24.41
C VAL C 59 -4.51 13.43 -25.20
N LEU C 60 -5.42 14.26 -25.72
CA LEU C 60 -5.07 15.45 -26.45
C LEU C 60 -5.03 16.64 -25.51
N LEU C 61 -3.92 17.38 -25.52
CA LEU C 61 -3.79 18.58 -24.72
C LEU C 61 -3.33 19.72 -25.61
N GLY C 62 -3.70 20.94 -25.21
CA GLY C 62 -3.32 22.14 -25.94
C GLY C 62 -2.34 22.94 -25.11
N MET C 63 -1.23 23.33 -25.73
CA MET C 63 -0.32 24.31 -25.12
C MET C 63 -0.97 25.67 -25.28
N LYS C 64 -1.31 26.30 -24.16
CA LYS C 64 -1.92 27.63 -24.15
C LYS C 64 -0.88 28.69 -24.52
N LYS C 65 -1.17 29.43 -25.59
CA LYS C 65 -0.20 30.33 -26.23
C LYS C 65 -0.28 31.76 -25.69
N ARG C 66 -1.49 32.25 -25.42
CA ARG C 66 -1.71 33.63 -24.97
C ARG C 66 -2.58 33.68 -23.72
N GLY C 67 -2.36 34.70 -22.88
CA GLY C 67 -3.28 35.05 -21.79
C GLY C 67 -3.22 34.16 -20.55
N PHE C 68 -4.40 33.72 -20.11
CA PHE C 68 -4.55 33.01 -18.83
C PHE C 68 -4.12 31.56 -18.98
N GLY C 69 -3.27 31.09 -18.06
CA GLY C 69 -2.71 29.75 -18.11
C GLY C 69 -1.73 29.53 -19.27
N ALA C 70 -1.09 30.61 -19.73
CA ALA C 70 -0.16 30.54 -20.87
C ALA C 70 1.12 29.81 -20.50
N GLY C 71 1.69 29.09 -21.46
CA GLY C 71 2.85 28.25 -21.23
C GLY C 71 2.57 26.95 -20.50
N ARG C 72 1.30 26.55 -20.43
CA ARG C 72 0.89 25.33 -19.74
C ARG C 72 -0.02 24.48 -20.63
N TRP C 73 0.20 23.17 -20.58
CA TRP C 73 -0.68 22.23 -21.27
C TRP C 73 -2.00 22.16 -20.50
N ASN C 74 -3.10 21.97 -21.22
CA ASN C 74 -4.42 21.88 -20.62
C ASN C 74 -5.42 21.27 -21.60
N GLY C 75 -6.60 20.91 -21.09
CA GLY C 75 -7.74 20.63 -21.92
C GLY C 75 -8.24 21.88 -22.62
N PHE C 76 -9.26 21.73 -23.46
CA PHE C 76 -9.79 22.83 -24.25
C PHE C 76 -11.01 23.42 -23.57
N GLY C 77 -11.08 24.74 -23.51
CA GLY C 77 -12.23 25.41 -22.92
C GLY C 77 -12.13 26.92 -22.82
N GLY C 78 -13.04 27.48 -22.03
CA GLY C 78 -13.11 28.92 -21.85
C GLY C 78 -14.35 29.34 -21.10
N LYS C 79 -14.62 30.64 -21.12
CA LYS C 79 -15.81 31.20 -20.47
C LYS C 79 -17.06 30.71 -21.19
N VAL C 80 -18.13 30.47 -20.42
CA VAL C 80 -19.43 30.17 -20.99
C VAL C 80 -20.10 31.51 -21.29
N GLN C 81 -20.57 31.64 -22.53
CA GLN C 81 -21.19 32.88 -22.98
C GLN C 81 -22.67 32.94 -22.61
N GLU C 82 -23.21 34.15 -22.76
CA GLU C 82 -24.63 34.38 -22.61
C GLU C 82 -25.35 33.80 -23.81
N GLY C 83 -26.45 33.09 -23.57
CA GLY C 83 -27.24 32.52 -24.66
C GLY C 83 -26.85 31.12 -25.10
N GLU C 84 -25.91 30.48 -24.39
CA GLU C 84 -25.55 29.07 -24.65
C GLU C 84 -25.54 28.27 -23.37
N THR C 85 -25.85 26.98 -23.49
CA THR C 85 -25.74 26.04 -22.37
C THR C 85 -24.27 25.81 -22.09
N ILE C 86 -23.99 25.16 -20.96
CA ILE C 86 -22.61 24.83 -20.59
C ILE C 86 -22.03 23.84 -21.61
N GLU C 87 -22.81 22.81 -21.96
CA GLU C 87 -22.36 21.83 -22.97
C GLU C 87 -22.08 22.47 -24.35
N ASP C 88 -22.93 23.41 -24.77
CA ASP C 88 -22.70 24.13 -26.03
C ASP C 88 -21.41 24.95 -26.00
N GLY C 89 -21.15 25.63 -24.88
CA GLY C 89 -19.90 26.38 -24.69
C GLY C 89 -18.65 25.52 -24.73
N ALA C 90 -18.75 24.30 -24.19
CA ALA C 90 -17.67 23.32 -24.25
C ALA C 90 -17.41 22.84 -25.67
N ARG C 91 -18.46 22.50 -26.41
CA ARG C 91 -18.32 22.09 -27.82
C ARG C 91 -17.76 23.22 -28.68
N ARG C 92 -18.29 24.43 -28.46
CA ARG C 92 -17.83 25.62 -29.16
C ARG C 92 -16.34 25.87 -28.89
N GLU C 93 -15.95 25.88 -27.62
CA GLU C 93 -14.56 26.11 -27.25
C GLU C 93 -13.62 25.00 -27.76
N LEU C 94 -14.12 23.77 -27.87
CA LEU C 94 -13.34 22.69 -28.49
C LEU C 94 -13.09 22.97 -29.98
N GLN C 95 -14.15 23.34 -30.70
CA GLN C 95 -14.08 23.73 -32.11
C GLN C 95 -13.17 24.95 -32.31
N GLU C 96 -13.41 26.03 -31.56
CA GLU C 96 -12.60 27.26 -31.69
C GLU C 96 -11.10 27.04 -31.43
N GLU C 97 -10.77 26.19 -30.45
CA GLU C 97 -9.37 25.99 -30.03
C GLU C 97 -8.64 24.85 -30.73
N SER C 98 -9.36 23.79 -31.09
CA SER C 98 -8.76 22.62 -31.74
C SER C 98 -9.33 22.25 -33.11
N GLY C 99 -10.35 22.94 -33.58
CA GLY C 99 -11.01 22.61 -34.84
C GLY C 99 -11.76 21.28 -34.87
N LEU C 100 -11.98 20.67 -33.71
CA LEU C 100 -12.61 19.35 -33.64
C LEU C 100 -14.09 19.49 -33.31
N THR C 101 -14.92 18.74 -34.05
CA THR C 101 -16.30 18.52 -33.68
C THR C 101 -16.34 17.15 -33.03
N VAL C 102 -17.45 16.85 -32.37
CA VAL C 102 -17.57 15.62 -31.59
C VAL C 102 -18.98 15.06 -31.70
N ASP C 103 -19.09 13.74 -31.61
CA ASP C 103 -20.39 13.06 -31.62
C ASP C 103 -21.19 13.39 -30.36
N ALA C 104 -20.53 13.21 -29.20
CA ALA C 104 -21.11 13.55 -27.91
C ALA C 104 -20.03 13.86 -26.87
N LEU C 105 -20.38 14.73 -25.92
CA LEU C 105 -19.57 14.99 -24.74
C LEU C 105 -20.27 14.40 -23.53
N HIS C 106 -19.49 13.98 -22.54
CA HIS C 106 -20.05 13.53 -21.27
C HIS C 106 -19.48 14.36 -20.11
N LYS C 107 -20.36 14.70 -19.16
CA LYS C 107 -19.98 15.40 -17.95
C LYS C 107 -19.18 14.45 -17.07
N VAL C 108 -17.96 14.83 -16.73
CA VAL C 108 -17.11 14.03 -15.85
C VAL C 108 -16.77 14.72 -14.52
N GLY C 109 -16.95 16.02 -14.42
CA GLY C 109 -16.88 16.66 -13.15
C GLY C 109 -17.07 18.14 -13.11
N GLN C 110 -17.04 18.68 -11.90
CA GLN C 110 -17.12 20.12 -11.65
C GLN C 110 -16.00 20.47 -10.69
N ILE C 111 -15.21 21.49 -11.03
CA ILE C 111 -14.14 21.96 -10.14
C ILE C 111 -14.31 23.45 -9.93
N VAL C 112 -14.42 23.85 -8.67
CA VAL C 112 -14.50 25.27 -8.31
C VAL C 112 -13.11 25.72 -7.93
N PHE C 113 -12.65 26.83 -8.50
CA PHE C 113 -11.34 27.40 -8.17
C PHE C 113 -11.51 28.74 -7.49
N GLU C 114 -10.91 28.89 -6.32
CA GLU C 114 -10.83 30.17 -5.64
C GLU C 114 -9.40 30.66 -5.71
N PHE C 115 -9.22 31.90 -6.13
CA PHE C 115 -7.92 32.55 -6.09
C PHE C 115 -7.95 33.61 -4.99
N VAL C 116 -7.01 33.51 -4.06
CA VAL C 116 -6.91 34.47 -2.96
C VAL C 116 -6.72 35.87 -3.54
N GLY C 117 -7.64 36.77 -3.23
CA GLY C 117 -7.61 38.15 -3.74
C GLY C 117 -8.68 38.42 -4.79
N GLU C 118 -8.88 37.48 -5.71
CA GLU C 118 -9.93 37.63 -6.72
C GLU C 118 -11.29 37.32 -6.07
N PRO C 119 -12.27 38.22 -6.23
CA PRO C 119 -13.57 38.01 -5.60
C PRO C 119 -14.40 36.86 -6.22
N GLU C 120 -14.33 36.70 -7.54
CA GLU C 120 -15.11 35.67 -8.22
C GLU C 120 -14.42 34.32 -8.30
N LEU C 121 -15.20 33.27 -8.08
CA LEU C 121 -14.73 31.88 -8.21
C LEU C 121 -14.87 31.45 -9.67
N MET C 122 -14.03 30.50 -10.09
CA MET C 122 -14.16 29.88 -11.41
C MET C 122 -14.84 28.53 -11.25
N ASP C 123 -16.07 28.44 -11.73
CA ASP C 123 -16.84 27.19 -11.69
C ASP C 123 -16.63 26.44 -13.02
N VAL C 124 -15.63 25.55 -13.03
CA VAL C 124 -15.21 24.85 -14.25
C VAL C 124 -15.95 23.52 -14.41
N HIS C 125 -16.78 23.40 -15.45
CA HIS C 125 -17.49 22.15 -15.76
C HIS C 125 -16.65 21.33 -16.72
N VAL C 126 -16.27 20.12 -16.31
CA VAL C 126 -15.32 19.29 -17.05
C VAL C 126 -16.06 18.24 -17.89
N PHE C 127 -15.57 18.04 -19.11
CA PHE C 127 -16.16 17.10 -20.07
C PHE C 127 -15.09 16.22 -20.69
N CYS C 128 -15.49 15.01 -21.07
CA CYS C 128 -14.63 14.06 -21.77
C CYS C 128 -15.30 13.60 -23.05
N THR C 129 -14.50 13.07 -23.97
CA THR C 129 -15.03 12.40 -25.16
C THR C 129 -14.03 11.46 -25.82
N ASP C 130 -14.58 10.50 -26.56
CA ASP C 130 -13.82 9.44 -27.20
C ASP C 130 -13.86 9.59 -28.74
N SER C 131 -15.07 9.62 -29.31
CA SER C 131 -15.23 9.76 -30.76
C SER C 131 -15.21 11.23 -31.21
N ILE C 132 -14.01 11.70 -31.58
CA ILE C 132 -13.83 13.00 -32.23
C ILE C 132 -14.01 12.87 -33.74
N GLN C 133 -14.28 13.99 -34.38
CA GLN C 133 -14.43 14.06 -35.83
C GLN C 133 -13.35 15.00 -36.39
N GLY C 134 -12.51 14.44 -37.28
CA GLY C 134 -11.44 15.19 -37.92
C GLY C 134 -10.12 15.10 -37.18
N THR C 135 -9.22 16.00 -37.54
CA THR C 135 -7.86 16.06 -37.01
C THR C 135 -7.67 17.40 -36.30
N PRO C 136 -6.96 17.40 -35.17
CA PRO C 136 -6.76 18.67 -34.46
C PRO C 136 -5.92 19.65 -35.26
N VAL C 137 -6.33 20.92 -35.25
CA VAL C 137 -5.60 21.98 -35.93
C VAL C 137 -5.25 23.07 -34.91
N GLU C 138 -4.15 23.77 -35.18
CA GLU C 138 -3.67 24.83 -34.30
C GLU C 138 -4.53 26.08 -34.43
N SER C 139 -4.90 26.66 -33.29
CA SER C 139 -5.62 27.93 -33.21
C SER C 139 -4.68 29.02 -32.70
N ASP C 140 -5.20 30.25 -32.60
CA ASP C 140 -4.48 31.36 -31.96
C ASP C 140 -4.21 31.10 -30.47
N GLU C 141 -5.14 30.42 -29.81
CA GLU C 141 -5.04 30.10 -28.38
C GLU C 141 -4.21 28.84 -28.09
N MET C 142 -4.45 27.77 -28.83
CA MET C 142 -3.94 26.42 -28.46
C MET C 142 -3.16 25.70 -29.54
N ARG C 143 -2.04 25.08 -29.14
CA ARG C 143 -1.26 24.20 -30.01
C ARG C 143 -1.48 22.76 -29.57
N PRO C 144 -2.27 21.98 -30.33
CA PRO C 144 -2.57 20.62 -29.90
C PRO C 144 -1.39 19.64 -29.98
N CYS C 145 -1.45 18.59 -29.17
CA CYS C 145 -0.45 17.52 -29.19
C CYS C 145 -1.01 16.31 -28.43
N TRP C 146 -0.88 15.11 -29.02
CA TRP C 146 -1.23 13.88 -28.31
C TRP C 146 -0.16 13.51 -27.30
N PHE C 147 -0.57 12.93 -26.17
CA PHE C 147 0.33 12.37 -25.18
C PHE C 147 -0.17 10.99 -24.77
N GLN C 148 0.76 10.06 -24.59
CA GLN C 148 0.47 8.78 -23.98
C GLN C 148 0.11 9.02 -22.50
N LEU C 149 -0.77 8.17 -21.98
CA LEU C 149 -1.36 8.36 -20.66
C LEU C 149 -0.35 8.32 -19.50
N ASP C 150 0.79 7.65 -19.72
CA ASP C 150 1.90 7.63 -18.75
C ASP C 150 3.01 8.67 -19.04
N GLN C 151 2.75 9.60 -19.95
CA GLN C 151 3.70 10.66 -20.30
C GLN C 151 3.03 12.04 -20.27
N ILE C 152 1.99 12.19 -19.44
CA ILE C 152 1.25 13.45 -19.34
C ILE C 152 2.15 14.44 -18.57
N PRO C 153 2.36 15.66 -19.12
CA PRO C 153 3.36 16.56 -18.54
C PRO C 153 2.80 17.40 -17.39
N PHE C 154 2.50 16.72 -16.28
CA PHE C 154 1.90 17.38 -15.11
C PHE C 154 2.75 18.53 -14.58
N LYS C 155 4.07 18.39 -14.70
CA LYS C 155 4.99 19.47 -14.35
C LYS C 155 4.74 20.77 -15.12
N ASP C 156 4.26 20.66 -16.36
CA ASP C 156 3.92 21.83 -17.19
C ASP C 156 2.41 22.00 -17.39
N MET C 157 1.65 21.73 -16.33
CA MET C 157 0.18 21.89 -16.33
C MET C 157 -0.23 22.58 -15.03
N TRP C 158 -1.49 22.97 -14.93
CA TRP C 158 -2.03 23.50 -13.68
C TRP C 158 -1.83 22.43 -12.59
N PRO C 159 -1.25 22.81 -11.42
CA PRO C 159 -0.91 21.82 -10.38
C PRO C 159 -2.05 20.91 -9.91
N ASP C 160 -3.28 21.42 -9.94
CA ASP C 160 -4.45 20.61 -9.57
C ASP C 160 -4.68 19.40 -10.48
N ASP C 161 -4.26 19.47 -11.74
CA ASP C 161 -4.51 18.38 -12.70
C ASP C 161 -4.00 17.02 -12.20
N SER C 162 -2.81 17.03 -11.58
CA SER C 162 -2.25 15.85 -10.88
C SER C 162 -3.26 15.09 -10.02
N TYR C 163 -4.08 15.83 -9.28
CA TYR C 163 -4.99 15.26 -8.29
C TYR C 163 -6.22 14.60 -8.93
N TRP C 164 -6.81 15.23 -9.93
CA TRP C 164 -8.10 14.76 -10.49
C TRP C 164 -8.01 13.96 -11.80
N PHE C 165 -6.89 14.05 -12.51
CA PHE C 165 -6.67 13.20 -13.69
C PHE C 165 -6.83 11.71 -13.42
N PRO C 166 -6.25 11.18 -12.33
CA PRO C 166 -6.45 9.74 -12.03
C PRO C 166 -7.90 9.28 -12.03
N LEU C 167 -8.79 10.13 -11.50
CA LEU C 167 -10.23 9.86 -11.52
C LEU C 167 -10.77 9.92 -12.95
N LEU C 168 -10.32 10.92 -13.71
CA LEU C 168 -10.65 11.04 -15.13
C LEU C 168 -10.30 9.78 -15.92
N LEU C 169 -9.09 9.29 -15.71
CA LEU C 169 -8.61 8.08 -16.40
C LEU C 169 -9.36 6.82 -15.99
N GLN C 170 -9.79 6.79 -14.73
CA GLN C 170 -10.62 5.68 -14.21
C GLN C 170 -12.12 5.80 -14.55
N LYS C 171 -12.51 6.89 -15.20
CA LYS C 171 -13.91 7.17 -15.57
C LYS C 171 -14.84 7.35 -14.36
N LYS C 172 -14.30 7.86 -13.29
CA LYS C 172 -15.06 8.22 -12.09
C LYS C 172 -15.42 9.71 -12.24
N LYS C 173 -16.69 10.02 -12.00
CA LYS C 173 -17.14 11.42 -11.95
C LYS C 173 -16.68 12.05 -10.63
N PHE C 174 -16.57 13.37 -10.58
CA PHE C 174 -16.06 14.06 -9.38
C PHE C 174 -16.49 15.49 -9.19
N HIS C 175 -16.49 15.94 -7.94
CA HIS C 175 -16.71 17.34 -7.55
C HIS C 175 -15.44 17.79 -6.85
N GLY C 176 -14.82 18.86 -7.31
CA GLY C 176 -13.54 19.31 -6.76
C GLY C 176 -13.58 20.76 -6.33
N TYR C 177 -12.66 21.13 -5.45
CA TYR C 177 -12.46 22.52 -5.05
C TYR C 177 -10.97 22.71 -4.80
N PHE C 178 -10.39 23.81 -5.30
CA PHE C 178 -8.99 24.15 -5.05
C PHE C 178 -8.86 25.62 -4.77
N LYS C 179 -8.27 25.94 -3.62
CA LYS C 179 -7.93 27.32 -3.28
C LYS C 179 -6.48 27.55 -3.68
N PHE C 180 -6.25 28.53 -4.55
CA PHE C 180 -4.90 28.85 -5.05
C PHE C 180 -4.38 30.16 -4.46
N GLN C 181 -3.07 30.22 -4.22
CA GLN C 181 -2.36 31.48 -3.95
C GLN C 181 -1.39 31.70 -5.10
N GLY C 182 -1.71 32.64 -5.98
CA GLY C 182 -1.02 32.75 -7.27
C GLY C 182 -1.39 31.57 -8.15
N GLN C 183 -0.53 31.26 -9.11
CA GLN C 183 -0.81 30.22 -10.12
C GLN C 183 -0.14 28.87 -9.84
N ASP C 184 0.79 28.81 -8.87
CA ASP C 184 1.55 27.60 -8.56
C ASP C 184 1.26 26.94 -7.19
N THR C 185 0.67 27.66 -6.23
CA THR C 185 0.51 27.16 -4.85
C THR C 185 -0.96 26.85 -4.50
N ILE C 186 -1.25 25.57 -4.28
CA ILE C 186 -2.55 25.14 -3.74
C ILE C 186 -2.47 25.20 -2.24
N LEU C 187 -3.35 25.98 -1.61
CA LEU C 187 -3.44 26.07 -0.15
C LEU C 187 -4.37 25.00 0.40
N ASP C 188 -5.56 24.93 -0.17
CA ASP C 188 -6.61 24.00 0.25
C ASP C 188 -7.14 23.29 -0.96
N TYR C 189 -7.68 22.11 -0.75
CA TYR C 189 -8.42 21.41 -1.78
C TYR C 189 -9.34 20.33 -1.20
N THR C 190 -10.46 20.10 -1.89
CA THR C 190 -11.29 18.92 -1.66
C THR C 190 -11.56 18.23 -3.00
N LEU C 191 -11.85 16.95 -2.93
CA LEU C 191 -12.10 16.15 -4.11
C LEU C 191 -12.87 14.90 -3.70
N ARG C 192 -14.07 14.72 -4.26
CA ARG C 192 -14.87 13.53 -3.97
C ARG C 192 -15.46 12.92 -5.22
N GLU C 193 -15.53 11.58 -5.24
CA GLU C 193 -16.19 10.86 -6.32
C GLU C 193 -17.68 11.06 -6.17
N VAL C 194 -18.37 11.23 -7.29
CA VAL C 194 -19.83 11.39 -7.30
C VAL C 194 -20.42 10.47 -8.35
N ASP C 195 -21.73 10.22 -8.26
CA ASP C 195 -22.41 9.37 -9.23
C ASP C 195 -23.15 10.17 -10.30
N THR C 196 -23.59 11.38 -9.97
CA THR C 196 -24.07 12.33 -10.98
C THR C 196 -23.50 13.71 -10.70
N VAL C 197 -23.16 14.42 -11.78
CA VAL C 197 -22.55 15.74 -11.66
C VAL C 197 -23.62 16.75 -11.28
N ALA D 44 5.29 -0.54 30.30
CA ALA D 44 5.38 -0.26 28.84
C ALA D 44 6.57 -0.98 28.22
N SER D 45 6.32 -1.77 27.17
CA SER D 45 7.37 -2.53 26.49
C SER D 45 7.07 -2.69 25.00
N ARG D 46 8.13 -2.82 24.21
CA ARG D 46 8.02 -3.00 22.77
C ARG D 46 8.41 -4.43 22.46
N LEU D 47 7.63 -5.09 21.59
CA LEU D 47 7.91 -6.46 21.20
C LEU D 47 9.07 -6.52 20.20
N TYR D 48 9.96 -7.49 20.41
CA TYR D 48 11.02 -7.83 19.46
C TYR D 48 11.07 -9.34 19.25
N THR D 49 11.71 -9.74 18.15
CA THR D 49 11.93 -11.15 17.84
C THR D 49 13.42 -11.43 17.75
N LEU D 50 13.79 -12.69 17.95
CA LEU D 50 15.17 -13.13 17.75
C LEU D 50 15.16 -14.57 17.28
N VAL D 51 15.85 -14.84 16.17
CA VAL D 51 15.80 -16.15 15.51
C VAL D 51 17.18 -16.75 15.45
N LEU D 52 17.30 -17.97 16.00
CA LEU D 52 18.55 -18.72 15.96
C LEU D 52 18.33 -19.93 15.05
N VAL D 53 19.05 -19.95 13.92
CA VAL D 53 19.02 -21.08 13.01
C VAL D 53 19.99 -22.12 13.58
N LEU D 54 19.43 -23.07 14.33
CA LEU D 54 20.20 -24.09 15.03
C LEU D 54 20.13 -25.42 14.30
N GLN D 55 21.28 -25.87 13.79
CA GLN D 55 21.43 -27.15 13.11
C GLN D 55 22.28 -28.09 13.99
N PRO D 56 22.28 -29.41 13.69
CA PRO D 56 22.96 -30.37 14.58
C PRO D 56 24.34 -29.98 15.10
N GLN D 57 25.19 -29.44 14.23
CA GLN D 57 26.59 -29.13 14.59
C GLN D 57 27.00 -27.66 14.39
N ARG D 58 26.03 -26.78 14.14
CA ARG D 58 26.34 -25.36 13.89
C ARG D 58 25.14 -24.44 14.09
N VAL D 59 25.45 -23.15 14.27
CA VAL D 59 24.45 -22.09 14.40
C VAL D 59 24.80 -20.92 13.48
N LEU D 60 23.78 -20.31 12.86
CA LEU D 60 23.98 -19.15 12.00
C LEU D 60 23.84 -17.86 12.81
N LEU D 61 24.82 -16.98 12.71
CA LEU D 61 24.77 -15.67 13.36
C LEU D 61 25.07 -14.57 12.37
N GLY D 62 24.53 -13.40 12.62
CA GLY D 62 24.72 -12.24 11.77
C GLY D 62 25.56 -11.20 12.51
N MET D 63 26.60 -10.72 11.85
CA MET D 63 27.35 -9.56 12.34
C MET D 63 26.52 -8.33 12.04
N LYS D 64 26.08 -7.62 13.08
CA LYS D 64 25.29 -6.41 12.93
C LYS D 64 26.17 -5.26 12.43
N LYS D 65 25.80 -4.70 11.27
CA LYS D 65 26.66 -3.77 10.54
C LYS D 65 26.44 -2.30 10.90
N ARG D 66 25.17 -1.92 11.11
CA ARG D 66 24.78 -0.53 11.40
C ARG D 66 23.90 -0.43 12.64
N GLY D 67 23.99 0.70 13.34
CA GLY D 67 23.04 1.07 14.38
C GLY D 67 23.17 0.35 15.72
N PHE D 68 22.05 -0.19 16.20
CA PHE D 68 21.92 -0.74 17.55
C PHE D 68 22.53 -2.15 17.57
N GLY D 69 23.40 -2.41 18.55
CA GLY D 69 24.11 -3.67 18.67
C GLY D 69 25.14 -3.91 17.55
N ALA D 70 25.66 -2.82 16.97
CA ALA D 70 26.60 -2.91 15.85
C ALA D 70 27.96 -3.42 16.31
N GLY D 71 28.62 -4.16 15.44
CA GLY D 71 29.90 -4.80 15.77
C GLY D 71 29.77 -6.04 16.65
N ARG D 72 28.56 -6.60 16.75
CA ARG D 72 28.31 -7.78 17.58
C ARG D 72 27.55 -8.84 16.80
N TRP D 73 27.95 -10.09 16.99
CA TRP D 73 27.22 -11.21 16.40
C TRP D 73 25.91 -11.39 17.17
N ASN D 74 24.88 -11.82 16.47
CA ASN D 74 23.57 -12.07 17.08
C ASN D 74 22.71 -12.95 16.17
N GLY D 75 21.60 -13.45 16.72
CA GLY D 75 20.53 -14.03 15.91
C GLY D 75 19.86 -12.95 15.06
N PHE D 76 18.90 -13.37 14.25
CA PHE D 76 18.23 -12.47 13.33
C PHE D 76 16.90 -12.01 13.91
N GLY D 77 16.62 -10.72 13.81
CA GLY D 77 15.39 -10.18 14.35
C GLY D 77 15.28 -8.66 14.30
N GLY D 78 14.27 -8.17 15.02
CA GLY D 78 13.98 -6.74 15.03
C GLY D 78 12.67 -6.46 15.72
N LYS D 79 12.18 -5.23 15.55
CA LYS D 79 10.89 -4.83 16.11
C LYS D 79 9.77 -5.60 15.44
N VAL D 80 8.73 -5.94 16.22
CA VAL D 80 7.51 -6.50 15.68
C VAL D 80 6.65 -5.32 15.25
N GLN D 81 6.19 -5.37 14.00
CA GLN D 81 5.38 -4.29 13.43
C GLN D 81 3.92 -4.46 13.79
N GLU D 82 3.20 -3.36 13.56
CA GLU D 82 1.74 -3.35 13.70
C GLU D 82 1.15 -4.14 12.53
N GLY D 83 0.18 -5.00 12.81
CA GLY D 83 -0.48 -5.77 11.77
C GLY D 83 0.16 -7.11 11.44
N GLU D 84 1.16 -7.53 12.22
CA GLU D 84 1.73 -8.89 12.10
C GLU D 84 1.83 -9.56 13.46
N THR D 85 1.73 -10.89 13.47
CA THR D 85 1.96 -11.69 14.68
C THR D 85 3.43 -11.64 15.03
N ILE D 86 3.78 -12.10 16.22
CA ILE D 86 5.17 -12.16 16.65
C ILE D 86 5.95 -13.15 15.75
N GLU D 87 5.36 -14.31 15.48
CA GLU D 87 5.99 -15.30 14.60
C GLU D 87 6.20 -14.78 13.18
N ASP D 88 5.22 -14.05 12.64
CA ASP D 88 5.37 -13.43 11.31
C ASP D 88 6.51 -12.41 11.26
N GLY D 89 6.62 -11.58 12.30
CA GLY D 89 7.73 -10.63 12.43
C GLY D 89 9.10 -11.28 12.50
N ALA D 90 9.17 -12.43 13.16
CA ALA D 90 10.40 -13.22 13.22
C ALA D 90 10.78 -13.80 11.86
N ARG D 91 9.81 -14.38 11.15
CA ARG D 91 10.05 -14.91 9.80
C ARG D 91 10.44 -13.79 8.82
N ARG D 92 9.73 -12.68 8.90
CA ARG D 92 10.00 -11.50 8.08
C ARG D 92 11.42 -10.99 8.33
N GLU D 93 11.77 -10.79 9.61
CA GLU D 93 13.11 -10.30 9.96
C GLU D 93 14.21 -11.28 9.57
N LEU D 94 13.93 -12.58 9.58
CA LEU D 94 14.88 -13.58 9.09
C LEU D 94 15.11 -13.41 7.57
N GLN D 95 14.02 -13.30 6.83
CA GLN D 95 14.05 -13.05 5.38
C GLN D 95 14.76 -11.73 5.04
N GLU D 96 14.35 -10.64 5.67
CA GLU D 96 14.95 -9.32 5.42
C GLU D 96 16.47 -9.28 5.70
N GLU D 97 16.91 -9.95 6.77
CA GLU D 97 18.31 -9.88 7.21
C GLU D 97 19.21 -10.96 6.64
N SER D 98 18.68 -12.15 6.39
CA SER D 98 19.47 -13.27 5.87
C SER D 98 18.99 -13.88 4.54
N GLY D 99 17.87 -13.40 4.00
CA GLY D 99 17.29 -13.98 2.79
C GLY D 99 16.74 -15.40 2.90
N LEU D 100 16.61 -15.90 4.13
CA LEU D 100 16.17 -17.28 4.35
C LEU D 100 14.69 -17.34 4.66
N THR D 101 13.98 -18.28 4.01
CA THR D 101 12.65 -18.67 4.42
C THR D 101 12.80 -19.94 5.22
N VAL D 102 11.74 -20.33 5.90
CA VAL D 102 11.78 -21.47 6.81
C VAL D 102 10.48 -22.27 6.76
N ASP D 103 10.58 -23.57 6.99
CA ASP D 103 9.40 -24.44 7.04
C ASP D 103 8.53 -24.12 8.26
N ALA D 104 9.18 -24.07 9.43
CA ALA D 104 8.51 -23.75 10.69
C ALA D 104 9.49 -23.18 11.74
N LEU D 105 8.99 -22.30 12.59
CA LEU D 105 9.73 -21.77 13.74
C LEU D 105 9.11 -22.32 15.00
N HIS D 106 9.93 -22.52 16.05
CA HIS D 106 9.38 -22.82 17.36
C HIS D 106 9.83 -21.84 18.43
N LYS D 107 8.91 -21.50 19.32
CA LYS D 107 9.15 -20.60 20.45
C LYS D 107 10.04 -21.32 21.45
N VAL D 108 11.20 -20.73 21.75
CA VAL D 108 12.10 -21.30 22.75
C VAL D 108 12.30 -20.43 23.99
N GLY D 109 11.97 -19.14 23.92
CA GLY D 109 12.04 -18.33 25.12
C GLY D 109 11.58 -16.91 24.96
N GLN D 110 11.48 -16.24 26.11
CA GLN D 110 11.14 -14.83 26.18
C GLN D 110 12.16 -14.18 27.10
N ILE D 111 12.76 -13.09 26.65
CA ILE D 111 13.73 -12.35 27.47
C ILE D 111 13.33 -10.90 27.51
N VAL D 112 13.12 -10.37 28.71
CA VAL D 112 12.79 -8.96 28.89
C VAL D 112 14.09 -8.24 29.22
N PHE D 113 14.37 -7.15 28.52
CA PHE D 113 15.56 -6.35 28.80
C PHE D 113 15.15 -4.98 29.31
N GLU D 114 15.70 -4.59 30.46
CA GLU D 114 15.55 -3.24 30.97
C GLU D 114 16.89 -2.54 30.83
N PHE D 115 16.86 -1.35 30.25
CA PHE D 115 18.04 -0.49 30.20
C PHE D 115 17.81 0.67 31.14
N VAL D 116 18.73 0.85 32.08
CA VAL D 116 18.61 1.91 33.10
C VAL D 116 18.56 3.25 32.38
N GLY D 117 17.48 4.01 32.59
CA GLY D 117 17.28 5.31 31.94
C GLY D 117 16.26 5.29 30.82
N GLU D 118 16.27 4.25 29.98
CA GLU D 118 15.26 4.11 28.94
C GLU D 118 13.95 3.63 29.56
N PRO D 119 12.84 4.33 29.26
CA PRO D 119 11.57 3.99 29.90
C PRO D 119 10.95 2.68 29.43
N GLU D 120 11.09 2.36 28.15
CA GLU D 120 10.47 1.13 27.60
C GLU D 120 11.38 -0.10 27.73
N LEU D 121 10.78 -1.22 28.08
CA LEU D 121 11.46 -2.50 28.16
C LEU D 121 11.43 -3.15 26.78
N MET D 122 12.43 -4.00 26.49
CA MET D 122 12.45 -4.78 25.26
C MET D 122 12.00 -6.20 25.57
N ASP D 123 10.81 -6.56 25.10
CA ASP D 123 10.26 -7.90 25.28
C ASP D 123 10.63 -8.75 24.06
N VAL D 124 11.76 -9.46 24.16
CA VAL D 124 12.32 -10.23 23.03
C VAL D 124 11.81 -11.68 23.03
N HIS D 125 11.06 -12.03 22.01
CA HIS D 125 10.56 -13.41 21.83
C HIS D 125 11.55 -14.19 20.97
N VAL D 126 12.10 -15.25 21.53
CA VAL D 126 13.18 -16.02 20.90
C VAL D 126 12.62 -17.25 20.19
N PHE D 127 13.16 -17.52 19.01
CA PHE D 127 12.74 -18.65 18.18
C PHE D 127 13.95 -19.43 17.68
N CYS D 128 13.73 -20.72 17.44
CA CYS D 128 14.72 -21.60 16.83
C CYS D 128 14.13 -22.27 15.60
N THR D 129 15.01 -22.77 14.73
CA THR D 129 14.60 -23.62 13.61
C THR D 129 15.75 -24.46 13.04
N ASP D 130 15.37 -25.55 12.40
CA ASP D 130 16.31 -26.53 11.86
C ASP D 130 16.30 -26.52 10.32
N SER D 131 15.11 -26.73 9.72
CA SER D 131 14.96 -26.76 8.27
C SER D 131 14.78 -25.37 7.65
N ILE D 132 15.91 -24.79 7.24
CA ILE D 132 15.90 -23.56 6.43
C ILE D 132 15.76 -23.89 4.94
N GLN D 133 15.33 -22.88 4.18
CA GLN D 133 15.21 -22.97 2.73
C GLN D 133 16.13 -21.95 2.08
N GLY D 134 17.05 -22.43 1.26
CA GLY D 134 18.00 -21.58 0.53
C GLY D 134 19.32 -21.40 1.27
N THR D 135 20.10 -20.43 0.81
CA THR D 135 21.42 -20.12 1.34
C THR D 135 21.42 -18.71 1.91
N PRO D 136 22.09 -18.49 3.05
CA PRO D 136 22.10 -17.14 3.61
C PRO D 136 22.80 -16.13 2.71
N VAL D 137 22.22 -14.94 2.59
CA VAL D 137 22.81 -13.86 1.81
C VAL D 137 22.94 -12.62 2.69
N GLU D 138 23.92 -11.78 2.38
CA GLU D 138 24.19 -10.58 3.15
C GLU D 138 23.16 -9.49 2.87
N SER D 139 22.68 -8.86 3.94
CA SER D 139 21.77 -7.72 3.87
C SER D 139 22.50 -6.44 4.27
N ASP D 140 21.80 -5.30 4.22
CA ASP D 140 22.32 -4.03 4.74
C ASP D 140 22.60 -4.09 6.25
N GLU D 141 21.77 -4.84 6.99
CA GLU D 141 21.89 -4.97 8.44
C GLU D 141 22.91 -6.03 8.87
N MET D 142 22.85 -7.22 8.26
CA MET D 142 23.55 -8.41 8.78
C MET D 142 24.46 -9.11 7.78
N ARG D 143 25.64 -9.51 8.24
CA ARG D 143 26.55 -10.36 7.50
C ARG D 143 26.53 -11.77 8.10
N PRO D 144 25.86 -12.73 7.44
CA PRO D 144 25.75 -14.07 8.03
C PRO D 144 27.05 -14.87 8.04
N CYS D 145 27.15 -15.80 8.97
CA CYS D 145 28.30 -16.72 9.07
C CYS D 145 27.92 -17.90 9.96
N TRP D 146 28.24 -19.12 9.52
CA TRP D 146 28.07 -20.31 10.36
C TRP D 146 29.15 -20.39 11.42
N PHE D 147 28.80 -20.90 12.60
CA PHE D 147 29.75 -21.20 13.66
C PHE D 147 29.46 -22.58 14.21
N GLN D 148 30.51 -23.33 14.52
CA GLN D 148 30.40 -24.57 15.28
C GLN D 148 29.96 -24.23 16.70
N LEU D 149 29.20 -25.14 17.31
CA LEU D 149 28.54 -24.88 18.60
C LEU D 149 29.51 -24.64 19.77
N ASP D 150 30.74 -25.16 19.64
CA ASP D 150 31.83 -24.92 20.61
C ASP D 150 32.77 -23.76 20.23
N GLN D 151 32.41 -22.99 19.20
CA GLN D 151 33.20 -21.84 18.75
C GLN D 151 32.34 -20.59 18.59
N ILE D 152 31.28 -20.50 19.40
CA ILE D 152 30.36 -19.36 19.36
C ILE D 152 31.09 -18.17 20.01
N PRO D 153 31.12 -17.01 19.32
CA PRO D 153 31.95 -15.91 19.81
C PRO D 153 31.25 -15.04 20.85
N PHE D 154 31.01 -15.62 22.03
CA PHE D 154 30.29 -14.94 23.12
C PHE D 154 30.96 -13.63 23.52
N LYS D 155 32.29 -13.58 23.42
CA LYS D 155 33.04 -12.35 23.67
C LYS D 155 32.62 -11.19 22.75
N ASP D 156 32.20 -11.50 21.52
CA ASP D 156 31.71 -10.50 20.55
C ASP D 156 30.19 -10.58 20.34
N MET D 157 29.44 -10.85 21.40
CA MET D 157 27.99 -10.90 21.37
C MET D 157 27.44 -10.14 22.58
N TRP D 158 26.13 -9.97 22.66
CA TRP D 158 25.49 -9.39 23.84
C TRP D 158 25.83 -10.27 25.05
N PRO D 159 26.33 -9.66 26.15
CA PRO D 159 26.81 -10.45 27.31
C PRO D 159 25.81 -11.48 27.88
N ASP D 160 24.52 -11.17 27.80
CA ASP D 160 23.48 -12.11 28.26
C ASP D 160 23.45 -13.44 27.50
N ASP D 161 23.87 -13.45 26.23
CA ASP D 161 23.81 -14.67 25.41
C ASP D 161 24.51 -15.87 26.06
N SER D 162 25.66 -15.62 26.68
CA SER D 162 26.39 -16.60 27.51
C SER D 162 25.48 -17.40 28.45
N TYR D 163 24.55 -16.71 29.10
CA TYR D 163 23.72 -17.30 30.15
C TYR D 163 22.62 -18.21 29.59
N TRP D 164 21.95 -17.79 28.52
CA TRP D 164 20.76 -18.51 28.03
C TRP D 164 20.98 -19.44 26.83
N PHE D 165 22.09 -19.27 26.11
CA PHE D 165 22.44 -20.21 25.03
C PHE D 165 22.49 -21.68 25.48
N PRO D 166 23.13 -21.97 26.62
CA PRO D 166 23.15 -23.36 27.12
C PRO D 166 21.77 -24.03 27.21
N LEU D 167 20.76 -23.26 27.61
CA LEU D 167 19.37 -23.73 27.66
C LEU D 167 18.83 -23.96 26.25
N LEU D 168 19.15 -23.03 25.34
CA LEU D 168 18.82 -23.16 23.92
C LEU D 168 19.35 -24.45 23.33
N LEU D 169 20.62 -24.73 23.59
CA LEU D 169 21.29 -25.93 23.07
C LEU D 169 20.72 -27.21 23.68
N GLN D 170 20.28 -27.14 24.93
CA GLN D 170 19.65 -28.26 25.62
C GLN D 170 18.15 -28.42 25.31
N LYS D 171 17.59 -27.51 24.50
CA LYS D 171 16.19 -27.54 24.09
C LYS D 171 15.22 -27.31 25.27
N LYS D 172 15.67 -26.59 26.29
CA LYS D 172 14.82 -26.18 27.38
C LYS D 172 14.23 -24.82 27.03
N LYS D 173 12.93 -24.66 27.21
CA LYS D 173 12.28 -23.34 27.07
C LYS D 173 12.62 -22.49 28.29
N PHE D 174 12.59 -21.16 28.15
CA PHE D 174 13.00 -20.28 29.24
C PHE D 174 12.39 -18.89 29.23
N HIS D 175 12.31 -18.29 30.42
CA HIS D 175 11.93 -16.90 30.62
C HIS D 175 13.12 -16.22 31.26
N GLY D 176 13.59 -15.14 30.64
CA GLY D 176 14.73 -14.40 31.14
C GLY D 176 14.41 -12.95 31.43
N TYR D 177 15.21 -12.34 32.29
CA TYR D 177 15.19 -10.90 32.51
C TYR D 177 16.62 -10.45 32.74
N PHE D 178 17.02 -9.35 32.10
CA PHE D 178 18.36 -8.78 32.29
C PHE D 178 18.23 -7.27 32.38
N LYS D 179 18.75 -6.71 33.48
CA LYS D 179 18.85 -5.26 33.64
C LYS D 179 20.25 -4.85 33.22
N PHE D 180 20.34 -3.97 32.23
CA PHE D 180 21.61 -3.50 31.68
C PHE D 180 21.89 -2.05 32.08
N GLN D 181 23.17 -1.75 32.30
CA GLN D 181 23.65 -0.36 32.39
C GLN D 181 24.60 -0.14 31.22
N GLY D 182 24.14 0.59 30.20
CA GLY D 182 24.84 0.65 28.93
C GLY D 182 24.72 -0.68 28.21
N GLN D 183 25.67 -0.97 27.33
CA GLN D 183 25.59 -2.15 26.47
C GLN D 183 26.44 -3.34 26.95
N ASP D 184 27.35 -3.12 27.91
CA ASP D 184 28.29 -4.15 28.39
C ASP D 184 28.07 -4.66 29.83
N THR D 185 27.35 -3.91 30.67
CA THR D 185 27.22 -4.23 32.11
C THR D 185 25.82 -4.73 32.48
N ILE D 186 25.73 -6.01 32.86
CA ILE D 186 24.52 -6.59 33.43
C ILE D 186 24.56 -6.32 34.93
N LEU D 187 23.55 -5.62 35.45
CA LEU D 187 23.41 -5.35 36.88
C LEU D 187 22.67 -6.48 37.58
N ASP D 188 21.51 -6.82 37.02
CA ASP D 188 20.63 -7.85 37.57
C ASP D 188 20.24 -8.79 36.45
N TYR D 189 19.91 -10.02 36.84
CA TYR D 189 19.28 -10.94 35.90
C TYR D 189 18.53 -12.06 36.60
N THR D 190 17.48 -12.56 35.95
CA THR D 190 16.83 -13.81 36.34
C THR D 190 16.67 -14.70 35.12
N LEU D 191 16.58 -16.00 35.36
CA LEU D 191 16.52 -16.97 34.28
C LEU D 191 15.93 -18.27 34.80
N ARG D 192 14.81 -18.70 34.24
CA ARG D 192 14.16 -19.93 34.68
C ARG D 192 13.65 -20.78 33.53
N GLU D 193 13.69 -22.10 33.71
CA GLU D 193 13.12 -23.03 32.74
C GLU D 193 11.60 -22.94 32.82
N VAL D 194 10.92 -22.99 31.68
CA VAL D 194 9.47 -22.98 31.66
C VAL D 194 8.96 -24.08 30.73
N ASP D 195 7.63 -24.28 30.74
CA ASP D 195 6.93 -25.16 29.79
C ASP D 195 5.61 -24.50 29.40
#